data_3WVE
#
_entry.id   3WVE
#
_cell.length_a   113.742
_cell.length_b   59.829
_cell.length_c   81.464
_cell.angle_alpha   90.00
_cell.angle_beta   125.21
_cell.angle_gamma   90.00
#
_symmetry.space_group_name_H-M   'C 1 2 1'
#
loop_
_entity.id
_entity.type
_entity.pdbx_description
1 polymer 'Nitrile hydratase subunit alpha'
2 polymer 'Nitrile hydratase subunit beta'
3 non-polymer 'FE (III) ION'
4 non-polymer 'NITRIC OXIDE'
5 non-polymer 'MAGNESIUM ION'
6 non-polymer 'CHLORIDE ION'
7 non-polymer 2,2-dimethylpropanenitrile
8 water water
#
loop_
_entity_poly.entity_id
_entity_poly.type
_entity_poly.pdbx_seq_one_letter_code
_entity_poly.pdbx_strand_id
1 'polypeptide(L)'
;MSVTIDHTTENAAPAQAPVSDRAWALFRALDGKGLVPDGYVEGWKKTFEEDFSPRRGAELVARAWTDPEFRQLLLTDGTA
AVAQYGYLGPQGEYIVAVEDTPTLKNVIVCSL(CSD)S(CSO)TAWPILGLPPTWYKSFEYRARVVREPRKVLSEMGTEI
ASDIEIRVYDTTAETRYMVLPQRPAGTEGWSQEQLQEIVTKDCLIGVAIPQVPTV
;
A
2 'polypeptide(L)'
;MDGVHDLAGVQGFGKVPHTVNADIGPTFHAEWEHLPYSLMFAGVAELGAFSVDEVKYVVERMEPRHYMMTPYYERYVIGV
ATLMVEKGILTQDELESLAGGPFPLSRPSESEGRPAPVETTTFEVGQRVRVRDEYVPGHIRMPAYCRGRVGTISHRTTEK
WPFPDAIGHGRNDAGEEPTYHVKFAAEELFGSDTDGGSVVVDLFEGYLEPAA
;
B
#
# COMPACT_ATOMS: atom_id res chain seq x y z
N ALA A 15 6.59 11.41 -26.04
CA ALA A 15 8.04 11.81 -26.00
C ALA A 15 8.34 12.40 -24.60
N GLN A 16 9.49 11.92 -24.02
CA GLN A 16 9.88 12.40 -22.69
C GLN A 16 11.38 12.56 -22.58
N ALA A 17 11.78 13.55 -21.81
CA ALA A 17 13.17 13.68 -21.40
C ALA A 17 13.54 12.52 -20.50
N PRO A 18 14.84 12.21 -20.39
CA PRO A 18 15.22 11.20 -19.44
C PRO A 18 14.62 11.37 -18.09
N VAL A 19 14.18 10.27 -17.45
CA VAL A 19 13.56 10.40 -16.16
C VAL A 19 14.48 11.06 -15.11
N SER A 20 15.81 10.76 -15.12
CA SER A 20 16.69 11.39 -14.17
C SER A 20 16.58 12.96 -14.33
N ASP A 21 16.62 13.40 -15.59
CA ASP A 21 16.46 14.84 -15.87
C ASP A 21 15.16 15.45 -15.41
N ARG A 22 14.06 14.71 -15.58
CA ARG A 22 12.76 15.14 -15.03
C ARG A 22 12.71 15.20 -13.53
N ALA A 23 13.22 14.14 -12.86
CA ALA A 23 13.22 14.11 -11.43
C ALA A 23 14.05 15.25 -10.83
N TRP A 24 15.25 15.46 -11.35
CA TRP A 24 16.08 16.56 -10.83
C TRP A 24 15.57 17.91 -11.23
N ALA A 25 14.80 18.00 -12.33
CA ALA A 25 14.14 19.25 -12.71
C ALA A 25 13.07 19.64 -11.68
N LEU A 26 12.30 18.63 -11.25
CA LEU A 26 11.30 18.83 -10.20
C LEU A 26 11.96 19.33 -8.92
N PHE A 27 13.02 18.64 -8.50
CA PHE A 27 13.79 19.11 -7.36
C PHE A 27 14.28 20.54 -7.46
N ARG A 28 14.94 20.79 -8.58
CA ARG A 28 15.58 22.10 -8.82
C ARG A 28 14.50 23.25 -8.87
N ALA A 29 13.37 22.96 -9.50
CA ALA A 29 12.30 23.92 -9.56
C ALA A 29 11.79 24.32 -8.24
N LEU A 30 11.57 23.35 -7.37
CA LEU A 30 11.10 23.61 -6.01
C LEU A 30 12.19 24.20 -5.11
N ASP A 31 13.39 23.66 -5.18
CA ASP A 31 14.52 24.07 -4.37
C ASP A 31 14.90 25.51 -4.71
N GLY A 32 14.79 25.87 -5.97
CA GLY A 32 15.15 27.22 -6.37
C GLY A 32 14.16 28.30 -5.98
N LYS A 33 12.99 27.89 -5.52
CA LYS A 33 11.93 28.73 -4.94
C LYS A 33 11.92 28.74 -3.42
N GLY A 34 12.90 28.05 -2.84
CA GLY A 34 13.01 28.00 -1.39
C GLY A 34 12.02 27.13 -0.67
N LEU A 35 11.45 26.19 -1.42
CA LEU A 35 10.35 25.35 -0.90
C LEU A 35 10.85 24.06 -0.31
N VAL A 36 12.14 23.80 -0.46
CA VAL A 36 12.71 22.55 0.06
C VAL A 36 13.80 22.89 1.13
N PRO A 37 13.54 22.54 2.39
CA PRO A 37 14.51 22.88 3.46
C PRO A 37 15.89 22.29 3.19
N ASP A 38 16.95 22.91 3.73
CA ASP A 38 18.30 22.43 3.57
C ASP A 38 18.38 21.00 4.09
N GLY A 39 18.99 20.07 3.34
CA GLY A 39 19.21 18.75 3.83
C GLY A 39 17.95 17.87 3.76
N TYR A 40 16.85 18.40 3.22
CA TYR A 40 15.52 17.75 3.33
C TYR A 40 15.46 16.42 2.60
N VAL A 41 15.74 16.43 1.31
CA VAL A 41 15.66 15.12 0.57
C VAL A 41 16.71 14.13 0.99
N GLU A 42 17.87 14.64 1.36
CA GLU A 42 18.95 13.80 1.83
C GLU A 42 18.55 13.16 3.14
N GLY A 43 17.82 13.88 3.99
CA GLY A 43 17.30 13.31 5.26
C GLY A 43 16.39 12.18 5.03
N TRP A 44 15.46 12.42 4.11
CA TRP A 44 14.47 11.39 3.80
C TRP A 44 15.16 10.19 3.17
N LYS A 45 16.15 10.41 2.31
CA LYS A 45 16.86 9.29 1.74
C LYS A 45 17.50 8.40 2.83
N LYS A 46 18.07 9.05 3.83
CA LYS A 46 18.67 8.33 4.92
C LYS A 46 17.60 7.51 5.69
N THR A 47 16.49 8.13 6.03
CA THR A 47 15.38 7.45 6.66
C THR A 47 14.95 6.21 5.86
N PHE A 48 14.69 6.41 4.57
CA PHE A 48 14.25 5.36 3.71
C PHE A 48 15.25 4.22 3.62
N GLU A 49 16.54 4.53 3.59
CA GLU A 49 17.58 3.52 3.41
C GLU A 49 18.02 2.87 4.70
N GLU A 50 18.04 3.58 5.80
CA GLU A 50 18.67 3.08 6.99
C GLU A 50 17.71 2.78 8.13
N ASP A 51 16.64 3.54 8.26
CA ASP A 51 15.70 3.41 9.40
C ASP A 51 14.52 2.50 9.08
N PHE A 52 13.80 2.77 7.98
CA PHE A 52 12.68 1.94 7.60
C PHE A 52 13.29 0.62 7.12
N SER A 53 12.93 -0.48 7.78
CA SER A 53 13.63 -1.69 7.53
C SER A 53 12.85 -2.90 8.02
N PRO A 54 12.83 -3.98 7.24
CA PRO A 54 12.17 -5.22 7.69
C PRO A 54 12.87 -5.87 8.90
N ARG A 55 14.03 -5.39 9.28
CA ARG A 55 14.65 -5.86 10.51
C ARG A 55 13.79 -5.48 11.71
N ARG A 56 13.05 -4.39 11.64
CA ARG A 56 12.16 -3.97 12.70
C ARG A 56 10.98 -4.90 12.80
N GLY A 57 10.30 -5.14 11.70
CA GLY A 57 9.26 -6.18 11.70
C GLY A 57 9.77 -7.54 12.22
N ALA A 58 10.98 -7.95 11.85
CA ALA A 58 11.53 -9.23 12.30
C ALA A 58 11.71 -9.25 13.79
N GLU A 59 12.11 -8.13 14.34
CA GLU A 59 12.22 -7.97 15.82
C GLU A 59 10.90 -8.14 16.52
N LEU A 60 9.82 -7.57 15.96
CA LEU A 60 8.51 -7.66 16.46
C LEU A 60 8.02 -9.11 16.43
N VAL A 61 8.26 -9.80 15.34
CA VAL A 61 7.84 -11.18 15.19
C VAL A 61 8.63 -12.06 16.24
N ALA A 62 9.94 -11.88 16.32
CA ALA A 62 10.72 -12.70 17.25
C ALA A 62 10.28 -12.46 18.70
N ARG A 63 9.98 -11.21 19.05
CA ARG A 63 9.42 -10.92 20.35
C ARG A 63 8.08 -11.67 20.54
N ALA A 64 7.15 -11.59 19.59
CA ALA A 64 5.86 -12.24 19.74
C ALA A 64 6.00 -13.73 19.89
N TRP A 65 6.98 -14.31 19.19
CA TRP A 65 7.20 -15.75 19.24
C TRP A 65 7.70 -16.20 20.60
N THR A 66 8.40 -15.30 21.28
CA THR A 66 9.04 -15.67 22.55
C THR A 66 8.38 -15.13 23.82
N ASP A 67 7.36 -14.31 23.66
CA ASP A 67 6.67 -13.55 24.70
C ASP A 67 5.18 -13.58 24.43
N PRO A 68 4.46 -14.53 25.07
CA PRO A 68 3.03 -14.64 24.79
C PRO A 68 2.21 -13.40 25.07
N GLU A 69 2.64 -12.65 26.08
CA GLU A 69 1.96 -11.42 26.44
C GLU A 69 2.10 -10.40 25.32
N PHE A 70 3.31 -10.31 24.78
CA PHE A 70 3.51 -9.33 23.63
C PHE A 70 2.76 -9.77 22.35
N ARG A 71 2.70 -11.07 22.15
CA ARG A 71 2.02 -11.64 20.99
C ARG A 71 0.57 -11.22 21.04
N GLN A 72 0.01 -11.40 22.22
CA GLN A 72 -1.39 -10.99 22.44
C GLN A 72 -1.58 -9.48 22.13
N LEU A 73 -0.69 -8.64 22.62
CA LEU A 73 -0.75 -7.20 22.40
C LEU A 73 -0.66 -6.92 20.88
N LEU A 74 0.35 -7.52 20.27
CA LEU A 74 0.57 -7.28 18.83
C LEU A 74 -0.64 -7.62 17.98
N LEU A 75 -1.33 -8.71 18.33
CA LEU A 75 -2.53 -9.15 17.58
C LEU A 75 -3.83 -8.40 17.92
N THR A 76 -3.88 -7.72 19.04
CA THR A 76 -5.08 -7.02 19.49
C THR A 76 -5.00 -5.52 19.29
N ASP A 77 -3.79 -4.97 19.49
CA ASP A 77 -3.53 -3.54 19.33
C ASP A 77 -2.10 -3.39 18.75
N GLY A 78 -2.01 -3.66 17.46
CA GLY A 78 -0.75 -3.65 16.75
C GLY A 78 -0.06 -2.28 16.87
N THR A 79 -0.84 -1.22 16.77
CA THR A 79 -0.27 0.14 16.92
C THR A 79 0.48 0.32 18.21
N ALA A 80 -0.18 -0.09 19.28
CA ALA A 80 0.43 0.01 20.61
C ALA A 80 1.72 -0.82 20.75
N ALA A 81 1.67 -2.04 20.20
CA ALA A 81 2.82 -2.94 20.24
C ALA A 81 4.02 -2.34 19.52
N VAL A 82 3.79 -1.82 18.32
CA VAL A 82 4.79 -1.17 17.52
C VAL A 82 5.33 0.08 18.18
N ALA A 83 4.44 0.84 18.78
CA ALA A 83 4.84 2.08 19.43
C ALA A 83 5.81 1.76 20.60
N GLN A 84 5.64 0.62 21.27
CA GLN A 84 6.57 0.30 22.37
C GLN A 84 8.03 0.27 21.93
N TYR A 85 8.27 -0.17 20.68
CA TYR A 85 9.60 -0.24 20.09
C TYR A 85 10.02 1.11 19.40
N GLY A 86 9.07 2.03 19.33
CA GLY A 86 9.29 3.31 18.70
C GLY A 86 9.29 3.24 17.16
N TYR A 87 8.54 2.27 16.59
CA TYR A 87 8.63 2.01 15.14
C TYR A 87 7.38 2.50 14.37
N LEU A 88 6.51 3.30 14.98
CA LEU A 88 5.46 4.01 14.23
C LEU A 88 6.13 5.01 13.31
N GLY A 89 5.53 5.30 12.15
CA GLY A 89 6.15 6.28 11.30
C GLY A 89 5.27 6.52 10.08
N PRO A 90 5.75 7.34 9.17
CA PRO A 90 5.01 7.56 7.95
C PRO A 90 4.59 6.26 7.26
N GLN A 91 3.31 6.21 6.80
CA GLN A 91 2.80 5.03 6.14
C GLN A 91 2.88 3.81 7.07
N GLY A 92 2.78 4.09 8.35
CA GLY A 92 2.83 3.04 9.37
C GLY A 92 2.38 3.52 10.72
N GLU A 93 1.25 4.20 10.74
CA GLU A 93 0.71 4.85 11.95
C GLU A 93 -0.38 4.07 12.63
N TYR A 94 -1.08 3.20 11.85
CA TYR A 94 -2.17 2.36 12.33
C TYR A 94 -1.82 0.95 11.84
N ILE A 95 -1.35 0.10 12.75
CA ILE A 95 -0.82 -1.21 12.41
C ILE A 95 -1.76 -2.32 12.87
N VAL A 96 -1.98 -3.28 11.95
CA VAL A 96 -2.60 -4.55 12.27
C VAL A 96 -1.68 -5.67 11.84
N ALA A 97 -1.40 -6.55 12.77
CA ALA A 97 -0.71 -7.75 12.53
C ALA A 97 -1.69 -8.88 12.37
N VAL A 98 -1.42 -9.68 11.39
CA VAL A 98 -2.32 -10.77 11.01
C VAL A 98 -1.61 -12.12 11.18
N GLU A 99 -2.31 -13.04 11.92
CA GLU A 99 -1.69 -14.24 12.42
C GLU A 99 -1.89 -15.46 11.48
N ASP A 100 -0.81 -16.02 10.98
CA ASP A 100 -0.86 -17.31 10.29
C ASP A 100 -1.15 -18.38 11.38
N THR A 101 -1.83 -19.42 10.92
CA THR A 101 -2.19 -20.56 11.83
C THR A 101 -2.07 -21.82 10.99
N PRO A 102 -2.23 -23.01 11.62
CA PRO A 102 -2.03 -24.23 10.84
C PRO A 102 -3.03 -24.38 9.69
N THR A 103 -4.08 -23.58 9.68
CA THR A 103 -5.06 -23.60 8.61
C THR A 103 -5.21 -22.35 7.82
N LEU A 104 -4.34 -21.35 8.06
CA LEU A 104 -4.50 -20.00 7.46
C LEU A 104 -3.17 -19.38 7.12
N LYS A 105 -3.05 -18.96 5.86
CA LYS A 105 -1.85 -18.20 5.42
C LYS A 105 -2.32 -16.85 4.94
N ASN A 106 -1.73 -15.79 5.52
CA ASN A 106 -2.08 -14.41 5.15
C ASN A 106 -0.98 -13.83 4.23
N VAL A 107 -1.46 -12.95 3.34
CA VAL A 107 -0.57 -12.33 2.33
C VAL A 107 -1.12 -10.93 2.09
N ILE A 108 -0.17 -9.95 1.99
CA ILE A 108 -0.51 -8.54 1.86
C ILE A 108 -0.19 -8.04 0.46
N VAL A 109 -1.05 -7.17 -0.04
CA VAL A 109 -0.83 -6.43 -1.32
C VAL A 109 -1.45 -5.02 -1.17
N CYS A 110 -1.08 -4.14 -2.12
CA CYS A 110 -1.80 -2.96 -2.41
C CYS A 110 -2.19 -3.00 -3.89
N SER A 111 -3.39 -3.48 -4.21
CA SER A 111 -3.73 -3.67 -5.60
C SER A 111 -3.78 -2.34 -6.35
N LEU A 112 -4.11 -1.25 -5.65
CA LEU A 112 -4.30 0.04 -6.25
C LEU A 112 -3.03 0.86 -6.45
N SER A 114 0.74 0.72 -3.90
CA SER A 114 1.95 0.08 -3.30
C SER A 114 1.93 0.07 -1.80
N THR A 116 2.15 -0.11 1.94
CA THR A 116 3.05 -0.96 2.71
C THR A 116 3.27 -0.28 4.02
N ALA A 117 3.46 -1.07 5.09
CA ALA A 117 3.89 -0.56 6.41
C ALA A 117 5.41 -0.18 6.35
N TRP A 118 5.72 0.94 5.72
CA TRP A 118 7.10 1.31 5.50
C TRP A 118 8.06 1.17 6.73
N PRO A 119 7.69 1.69 7.91
CA PRO A 119 8.70 1.75 9.00
C PRO A 119 9.17 0.38 9.47
N ILE A 120 8.35 -0.63 9.31
CA ILE A 120 8.59 -1.94 9.86
C ILE A 120 8.84 -3.03 8.83
N LEU A 121 8.43 -2.81 7.58
CA LEU A 121 8.72 -3.64 6.44
C LEU A 121 9.78 -3.15 5.46
N GLY A 122 10.11 -1.88 5.57
CA GLY A 122 10.90 -1.16 4.56
C GLY A 122 10.01 -0.74 3.39
N LEU A 123 10.53 0.17 2.56
CA LEU A 123 9.79 0.52 1.34
C LEU A 123 9.55 -0.74 0.49
N PRO A 124 8.43 -0.76 -0.23
CA PRO A 124 8.13 -1.97 -0.96
C PRO A 124 9.15 -2.25 -2.04
N PRO A 125 9.40 -3.53 -2.32
CA PRO A 125 10.26 -3.93 -3.40
C PRO A 125 9.57 -3.78 -4.79
N THR A 126 10.35 -3.68 -5.85
CA THR A 126 9.82 -3.56 -7.23
C THR A 126 8.77 -4.58 -7.52
N TRP A 127 9.01 -5.81 -7.09
CA TRP A 127 8.06 -6.87 -7.45
C TRP A 127 6.66 -6.70 -6.81
N TYR A 128 6.59 -6.09 -5.61
CA TYR A 128 5.37 -5.97 -4.84
C TYR A 128 4.52 -4.90 -5.52
N LYS A 129 5.24 -3.92 -6.13
CA LYS A 129 4.56 -2.83 -6.88
C LYS A 129 4.27 -3.19 -8.31
N SER A 130 4.66 -4.37 -8.78
CA SER A 130 4.48 -4.79 -10.14
C SER A 130 3.04 -4.95 -10.50
N PHE A 131 2.70 -4.69 -11.73
CA PHE A 131 1.34 -4.97 -12.16
C PHE A 131 0.97 -6.46 -11.98
N GLU A 132 1.95 -7.33 -12.21
CA GLU A 132 1.71 -8.76 -12.09
C GLU A 132 1.22 -9.11 -10.68
N TYR A 133 1.93 -8.64 -9.66
CA TYR A 133 1.53 -8.96 -8.27
C TYR A 133 0.19 -8.27 -7.91
N ARG A 134 0.07 -7.01 -8.28
CA ARG A 134 -1.12 -6.24 -7.98
C ARG A 134 -2.39 -6.83 -8.64
N ALA A 135 -2.24 -7.35 -9.86
CA ALA A 135 -3.40 -7.94 -10.58
C ALA A 135 -3.72 -9.33 -10.04
N ARG A 136 -2.68 -10.11 -9.83
CA ARG A 136 -2.86 -11.58 -9.70
C ARG A 136 -3.03 -12.05 -8.31
N VAL A 137 -2.32 -11.50 -7.34
CA VAL A 137 -2.36 -12.17 -5.99
C VAL A 137 -3.75 -12.14 -5.34
N VAL A 138 -4.60 -11.16 -5.65
CA VAL A 138 -5.93 -11.10 -5.08
CA VAL A 138 -5.94 -11.08 -5.11
C VAL A 138 -6.79 -12.26 -5.58
N ARG A 139 -6.56 -12.68 -6.81
CA ARG A 139 -7.38 -13.65 -7.50
C ARG A 139 -6.82 -15.07 -7.48
N GLU A 140 -5.50 -15.22 -7.58
CA GLU A 140 -4.89 -16.52 -7.60
C GLU A 140 -3.69 -16.55 -6.72
N PRO A 141 -3.90 -16.22 -5.46
CA PRO A 141 -2.74 -16.24 -4.54
C PRO A 141 -1.96 -17.54 -4.43
N ARG A 142 -2.66 -18.69 -4.50
CA ARG A 142 -1.91 -19.93 -4.38
C ARG A 142 -0.89 -20.11 -5.51
N LYS A 143 -1.35 -19.83 -6.75
CA LYS A 143 -0.50 -19.96 -7.87
C LYS A 143 0.64 -18.94 -7.85
N VAL A 144 0.32 -17.71 -7.48
CA VAL A 144 1.38 -16.72 -7.39
C VAL A 144 2.44 -17.11 -6.37
N LEU A 145 2.03 -17.52 -5.18
CA LEU A 145 3.01 -17.98 -4.18
C LEU A 145 3.78 -19.16 -4.69
N SER A 146 3.10 -20.12 -5.33
CA SER A 146 3.82 -21.26 -5.88
C SER A 146 4.91 -20.93 -6.84
N GLU A 147 4.56 -20.01 -7.77
CA GLU A 147 5.52 -19.51 -8.75
C GLU A 147 6.73 -18.82 -8.14
N MET A 148 6.46 -18.16 -7.00
CA MET A 148 7.49 -17.45 -6.27
C MET A 148 8.35 -18.38 -5.42
N GLY A 149 7.97 -19.63 -5.30
CA GLY A 149 8.74 -20.60 -4.49
C GLY A 149 8.12 -21.03 -3.16
N THR A 150 6.89 -20.67 -2.89
CA THR A 150 6.20 -21.02 -1.67
C THR A 150 4.98 -21.88 -1.94
N GLU A 151 5.09 -23.19 -1.58
CA GLU A 151 3.95 -24.09 -1.77
C GLU A 151 3.10 -24.10 -0.55
N ILE A 152 1.87 -23.67 -0.68
CA ILE A 152 1.01 -23.65 0.51
C ILE A 152 0.24 -24.95 0.40
N ALA A 153 0.39 -25.80 1.42
CA ALA A 153 -0.33 -27.09 1.49
C ALA A 153 -1.83 -26.88 1.11
N SER A 154 -2.43 -27.81 0.37
CA SER A 154 -3.84 -27.65 -0.11
C SER A 154 -4.82 -27.58 1.08
N ASP A 155 -4.40 -28.09 2.24
CA ASP A 155 -5.26 -28.04 3.42
C ASP A 155 -5.16 -26.70 4.22
N ILE A 156 -4.63 -25.60 3.59
CA ILE A 156 -4.51 -24.24 4.22
C ILE A 156 -5.27 -23.08 3.46
N GLU A 157 -6.20 -22.35 4.11
CA GLU A 157 -6.93 -21.18 3.54
C GLU A 157 -5.86 -20.06 3.29
N ILE A 158 -5.90 -19.44 2.14
CA ILE A 158 -5.19 -18.20 1.89
C ILE A 158 -6.15 -17.01 2.02
N ARG A 159 -5.70 -15.96 2.75
CA ARG A 159 -6.38 -14.78 2.97
C ARG A 159 -5.47 -13.63 2.54
N VAL A 160 -5.94 -12.92 1.53
CA VAL A 160 -5.20 -11.75 0.96
C VAL A 160 -5.77 -10.49 1.58
N TYR A 161 -4.89 -9.65 2.20
CA TYR A 161 -5.29 -8.37 2.69
C TYR A 161 -4.87 -7.30 1.63
N ASP A 162 -5.87 -6.58 1.11
CA ASP A 162 -5.65 -5.48 0.14
C ASP A 162 -5.60 -4.20 0.94
N THR A 163 -4.48 -3.53 0.88
CA THR A 163 -4.17 -2.35 1.66
C THR A 163 -4.76 -1.08 1.02
N THR A 164 -6.07 -0.92 1.16
CA THR A 164 -6.84 0.07 0.44
C THR A 164 -7.10 1.38 1.19
N ALA A 165 -6.80 1.39 2.50
CA ALA A 165 -7.03 2.59 3.33
C ALA A 165 -5.80 2.93 4.15
N GLU A 166 -5.96 3.23 5.44
CA GLU A 166 -4.84 3.60 6.30
C GLU A 166 -4.27 2.50 7.15
N THR A 167 -4.98 1.38 7.34
CA THR A 167 -4.41 0.25 8.07
C THR A 167 -3.17 -0.17 7.24
N ARG A 168 -2.10 -0.46 7.95
CA ARG A 168 -0.87 -1.01 7.40
C ARG A 168 -0.59 -2.29 8.09
N TYR A 169 -0.36 -3.35 7.34
CA TYR A 169 -0.33 -4.70 7.85
C TYR A 169 1.07 -5.30 7.94
N MET A 170 1.23 -6.28 8.83
CA MET A 170 2.38 -7.18 8.83
C MET A 170 1.84 -8.55 9.15
N VAL A 171 2.46 -9.56 8.52
CA VAL A 171 2.14 -10.92 8.80
C VAL A 171 3.00 -11.39 9.99
N LEU A 172 2.32 -12.01 10.94
CA LEU A 172 2.96 -12.84 11.97
C LEU A 172 3.00 -14.29 11.51
N PRO A 173 4.11 -14.75 10.91
CA PRO A 173 4.15 -16.10 10.41
C PRO A 173 4.19 -17.13 11.54
N GLN A 174 3.83 -18.36 11.20
CA GLN A 174 4.02 -19.43 12.15
C GLN A 174 5.51 -19.57 12.47
N ARG A 175 5.76 -19.97 13.72
CA ARG A 175 7.17 -20.29 14.10
C ARG A 175 7.58 -21.66 13.65
N PRO A 176 8.66 -21.80 12.87
CA PRO A 176 8.92 -23.14 12.39
C PRO A 176 9.52 -24.05 13.42
N ALA A 177 9.23 -25.32 13.24
CA ALA A 177 9.93 -26.31 14.07
C ALA A 177 11.45 -26.28 13.82
N GLY A 178 12.20 -26.65 14.85
CA GLY A 178 13.62 -26.62 14.80
C GLY A 178 14.24 -25.33 15.33
N THR A 179 13.40 -24.43 15.75
CA THR A 179 13.83 -23.18 16.35
C THR A 179 13.54 -23.05 17.84
N GLU A 180 13.21 -24.14 18.50
CA GLU A 180 12.89 -24.08 19.91
C GLU A 180 14.08 -23.66 20.74
N GLY A 181 13.88 -22.67 21.63
CA GLY A 181 14.93 -22.16 22.45
C GLY A 181 15.86 -21.13 21.82
N TRP A 182 15.68 -20.85 20.52
CA TRP A 182 16.54 -19.86 19.90
C TRP A 182 16.36 -18.51 20.60
N SER A 183 17.42 -17.70 20.53
CA SER A 183 17.37 -16.36 21.02
C SER A 183 16.56 -15.47 20.03
N GLN A 184 16.12 -14.33 20.55
CA GLN A 184 15.40 -13.34 19.71
C GLN A 184 16.25 -12.96 18.50
N GLU A 185 17.58 -12.78 18.69
CA GLU A 185 18.50 -12.47 17.57
C GLU A 185 18.54 -13.55 16.53
N GLN A 186 18.63 -14.82 16.98
CA GLN A 186 18.55 -15.94 16.08
C GLN A 186 17.26 -16.03 15.26
N LEU A 187 16.18 -15.78 15.92
CA LEU A 187 14.82 -15.89 15.28
C LEU A 187 14.65 -14.74 14.33
N GLN A 188 15.18 -13.58 14.73
CA GLN A 188 15.06 -12.37 13.83
C GLN A 188 15.64 -12.65 12.47
N GLU A 189 16.73 -13.42 12.47
CA GLU A 189 17.49 -13.66 11.24
C GLU A 189 16.68 -14.39 10.15
N ILE A 190 15.76 -15.27 10.54
CA ILE A 190 14.97 -16.04 9.60
C ILE A 190 13.62 -15.40 9.22
N VAL A 191 13.26 -14.28 9.84
CA VAL A 191 12.08 -13.55 9.48
C VAL A 191 12.50 -12.44 8.46
N THR A 192 12.27 -12.77 7.21
CA THR A 192 12.70 -11.91 6.10
C THR A 192 11.57 -10.97 5.71
N LYS A 193 11.92 -10.01 4.85
CA LYS A 193 10.92 -9.07 4.32
C LYS A 193 9.73 -9.81 3.73
N ASP A 194 10.07 -10.86 2.95
CA ASP A 194 9.04 -11.66 2.28
C ASP A 194 8.15 -12.43 3.23
N CYS A 195 8.70 -12.80 4.38
CA CYS A 195 7.87 -13.38 5.43
C CYS A 195 6.84 -12.38 6.01
N LEU A 196 7.27 -11.13 6.18
CA LEU A 196 6.41 -10.07 6.70
C LEU A 196 5.32 -9.68 5.75
N ILE A 197 5.62 -9.71 4.45
CA ILE A 197 4.62 -9.44 3.40
C ILE A 197 3.65 -10.67 3.31
N GLY A 198 4.18 -11.87 3.57
CA GLY A 198 3.37 -13.05 3.56
C GLY A 198 3.59 -14.01 2.44
N VAL A 199 4.44 -13.66 1.49
CA VAL A 199 4.76 -14.56 0.38
C VAL A 199 5.74 -15.70 0.68
N ALA A 200 6.48 -15.61 1.80
CA ALA A 200 7.48 -16.63 2.19
C ALA A 200 7.12 -17.11 3.59
N ILE A 201 7.50 -18.34 3.86
CA ILE A 201 7.44 -18.96 5.19
C ILE A 201 8.86 -18.99 5.78
N PRO A 202 9.06 -18.57 7.04
CA PRO A 202 10.41 -18.64 7.62
C PRO A 202 11.00 -20.05 7.52
N GLN A 203 12.28 -20.13 7.15
CA GLN A 203 13.03 -21.32 6.78
C GLN A 203 14.09 -21.54 7.86
N VAL A 204 14.26 -22.79 8.26
CA VAL A 204 15.28 -23.12 9.25
C VAL A 204 16.39 -23.78 8.49
N PRO A 205 17.66 -23.35 8.65
CA PRO A 205 18.77 -24.16 8.02
C PRO A 205 18.86 -25.62 8.60
N THR A 206 19.75 -26.51 8.12
CA THR A 206 19.85 -27.87 8.76
C THR A 206 21.08 -28.06 9.68
N MET B 1 -12.50 6.06 -9.45
CA MET B 1 -12.22 6.19 -10.88
C MET B 1 -11.92 4.81 -11.42
N ASP B 2 -12.68 4.35 -12.42
CA ASP B 2 -12.46 3.05 -13.06
C ASP B 2 -11.30 3.06 -14.02
N GLY B 3 -10.14 3.41 -13.49
CA GLY B 3 -8.95 3.53 -14.29
C GLY B 3 -8.22 2.21 -14.46
N VAL B 4 -7.18 2.33 -15.29
CA VAL B 4 -6.31 1.16 -15.49
C VAL B 4 -5.50 0.82 -14.24
N HIS B 5 -5.37 1.74 -13.29
CA HIS B 5 -4.69 1.42 -12.05
C HIS B 5 -5.45 0.38 -11.19
N ASP B 6 -6.74 0.19 -11.49
CA ASP B 6 -7.57 -0.75 -10.66
C ASP B 6 -7.34 -2.12 -11.22
N LEU B 7 -6.19 -2.67 -10.85
CA LEU B 7 -5.65 -3.90 -11.50
C LEU B 7 -6.11 -5.22 -10.92
N ALA B 8 -6.53 -5.25 -9.65
CA ALA B 8 -6.88 -6.52 -9.01
C ALA B 8 -7.88 -7.25 -9.88
N GLY B 9 -7.60 -8.52 -10.12
CA GLY B 9 -8.43 -9.39 -10.91
C GLY B 9 -8.27 -9.34 -12.40
N VAL B 10 -7.50 -8.36 -12.92
CA VAL B 10 -7.14 -8.36 -14.35
C VAL B 10 -6.36 -9.65 -14.69
N GLN B 11 -6.72 -10.24 -15.83
CA GLN B 11 -6.11 -11.46 -16.33
C GLN B 11 -5.23 -11.18 -17.51
N GLY B 12 -4.19 -11.98 -17.67
CA GLY B 12 -3.24 -11.91 -18.78
C GLY B 12 -1.81 -11.54 -18.43
N PHE B 13 -1.57 -11.11 -17.18
CA PHE B 13 -0.25 -10.87 -16.72
C PHE B 13 0.49 -12.16 -16.51
N GLY B 14 1.77 -12.04 -16.73
CA GLY B 14 2.75 -13.13 -16.50
C GLY B 14 3.22 -13.26 -15.03
N LYS B 15 4.38 -13.92 -14.89
CA LYS B 15 4.98 -14.19 -13.60
C LYS B 15 5.36 -12.92 -12.86
N VAL B 16 5.14 -12.96 -11.56
CA VAL B 16 5.64 -11.87 -10.70
C VAL B 16 7.17 -11.95 -10.77
N PRO B 17 7.85 -10.83 -10.93
CA PRO B 17 9.33 -10.86 -11.12
C PRO B 17 10.14 -10.97 -9.84
N HIS B 18 9.97 -12.12 -9.14
CA HIS B 18 10.63 -12.38 -7.89
C HIS B 18 10.47 -13.87 -7.54
N THR B 19 11.51 -14.40 -6.91
CA THR B 19 11.44 -15.65 -6.20
C THR B 19 11.72 -15.30 -4.73
N VAL B 20 11.09 -16.04 -3.83
CA VAL B 20 11.17 -15.66 -2.45
C VAL B 20 12.59 -15.57 -1.89
N ASN B 21 12.80 -14.50 -1.15
CA ASN B 21 14.02 -14.17 -0.53
C ASN B 21 15.14 -13.86 -1.46
N ALA B 22 14.86 -13.73 -2.72
CA ALA B 22 15.94 -13.28 -3.63
C ALA B 22 16.35 -11.89 -3.25
N ASP B 23 17.64 -11.58 -3.47
CA ASP B 23 18.17 -10.25 -3.28
C ASP B 23 17.40 -9.26 -4.17
N ILE B 24 16.85 -8.22 -3.56
CA ILE B 24 16.13 -7.16 -4.29
C ILE B 24 17.04 -5.95 -4.57
N GLY B 25 18.31 -6.05 -4.18
CA GLY B 25 19.22 -4.91 -4.39
C GLY B 25 19.01 -3.78 -3.38
N PRO B 26 19.56 -2.58 -3.68
CA PRO B 26 19.44 -1.47 -2.75
C PRO B 26 18.02 -0.92 -2.78
N THR B 27 17.69 -0.17 -1.74
CA THR B 27 16.39 0.49 -1.68
C THR B 27 16.09 1.28 -2.94
N PHE B 28 17.06 2.08 -3.36
CA PHE B 28 16.95 2.88 -4.61
C PHE B 28 17.95 2.39 -5.62
N HIS B 29 17.47 2.14 -6.82
CA HIS B 29 18.29 1.62 -7.87
C HIS B 29 18.81 2.69 -8.79
N ALA B 30 18.41 3.93 -8.58
CA ALA B 30 19.00 5.07 -9.29
C ALA B 30 19.06 6.26 -8.38
N GLU B 31 19.95 7.22 -8.66
CA GLU B 31 20.24 8.31 -7.75
C GLU B 31 19.11 9.32 -7.54
N TRP B 32 18.08 9.24 -8.40
CA TRP B 32 16.95 10.15 -8.33
C TRP B 32 15.76 9.55 -7.60
N GLU B 33 15.80 8.24 -7.32
CA GLU B 33 14.58 7.52 -6.92
C GLU B 33 13.97 7.95 -5.58
N HIS B 34 14.77 8.52 -4.67
CA HIS B 34 14.26 9.10 -3.44
C HIS B 34 13.52 10.39 -3.53
N LEU B 35 13.67 11.04 -4.71
CA LEU B 35 13.00 12.33 -4.92
C LEU B 35 11.51 12.34 -4.88
N PRO B 36 10.78 11.44 -5.60
CA PRO B 36 9.33 11.54 -5.55
C PRO B 36 8.74 11.52 -4.15
N TYR B 37 9.15 10.56 -3.33
CA TYR B 37 8.61 10.51 -2.00
C TYR B 37 9.04 11.68 -1.12
N SER B 38 10.32 12.06 -1.27
CA SER B 38 10.83 13.19 -0.47
C SER B 38 10.05 14.48 -0.79
N LEU B 39 9.82 14.68 -2.07
CA LEU B 39 9.14 15.89 -2.52
C LEU B 39 7.63 15.83 -2.28
N MET B 40 7.04 14.62 -2.32
CA MET B 40 5.69 14.43 -1.82
CA MET B 40 5.69 14.45 -1.83
C MET B 40 5.59 14.93 -0.38
N PHE B 41 6.53 14.53 0.46
CA PHE B 41 6.51 14.95 1.83
C PHE B 41 6.73 16.45 1.97
N ALA B 42 7.62 17.00 1.14
CA ALA B 42 7.73 18.49 1.17
C ALA B 42 6.38 19.13 0.86
N GLY B 43 5.66 18.64 -0.14
CA GLY B 43 4.36 19.15 -0.52
C GLY B 43 3.32 19.01 0.55
N VAL B 44 3.24 17.80 1.17
CA VAL B 44 2.22 17.52 2.14
C VAL B 44 2.53 18.18 3.51
N ALA B 45 3.73 17.98 4.01
CA ALA B 45 4.05 18.29 5.41
C ALA B 45 4.65 19.65 5.60
N GLU B 46 5.46 20.09 4.64
CA GLU B 46 6.15 21.41 4.70
C GLU B 46 5.30 22.50 4.07
N LEU B 47 4.80 22.31 2.85
CA LEU B 47 4.02 23.32 2.19
C LEU B 47 2.54 23.27 2.46
N GLY B 48 1.99 22.11 2.81
CA GLY B 48 0.55 22.00 2.93
C GLY B 48 -0.18 22.21 1.62
N ALA B 49 0.48 21.86 0.50
CA ALA B 49 -0.06 22.15 -0.83
C ALA B 49 -1.06 21.13 -1.32
N PHE B 50 -0.97 19.95 -0.74
CA PHE B 50 -1.84 18.84 -1.11
C PHE B 50 -1.74 17.74 -0.07
N SER B 51 -2.72 16.82 -0.12
CA SER B 51 -2.79 15.65 0.71
C SER B 51 -2.10 14.46 0.03
N VAL B 52 -1.88 13.42 0.83
CA VAL B 52 -1.37 12.09 0.25
C VAL B 52 -2.42 11.58 -0.72
N ASP B 53 -3.72 11.75 -0.37
CA ASP B 53 -4.78 11.25 -1.23
C ASP B 53 -4.73 11.89 -2.61
N GLU B 54 -4.42 13.20 -2.66
CA GLU B 54 -4.26 13.87 -3.93
C GLU B 54 -3.10 13.29 -4.78
N VAL B 55 -2.05 12.82 -4.12
CA VAL B 55 -0.96 12.11 -4.83
C VAL B 55 -1.46 10.79 -5.43
N LYS B 56 -2.19 10.01 -4.64
CA LYS B 56 -2.74 8.77 -5.19
C LYS B 56 -3.58 9.10 -6.42
N TYR B 57 -4.49 10.09 -6.30
CA TYR B 57 -5.37 10.39 -7.39
C TYR B 57 -4.66 10.91 -8.61
N VAL B 58 -3.67 11.80 -8.45
CA VAL B 58 -3.01 12.36 -9.62
C VAL B 58 -2.25 11.27 -10.41
N VAL B 59 -1.75 10.23 -9.71
CA VAL B 59 -1.17 9.08 -10.42
C VAL B 59 -2.24 8.27 -11.18
N GLU B 60 -3.44 8.12 -10.60
CA GLU B 60 -4.55 7.49 -11.23
C GLU B 60 -4.93 8.28 -12.52
N ARG B 61 -4.66 9.59 -12.53
CA ARG B 61 -5.01 10.46 -13.63
C ARG B 61 -3.99 10.49 -14.77
N MET B 62 -2.89 9.74 -14.64
CA MET B 62 -2.00 9.59 -15.78
C MET B 62 -2.83 9.05 -16.96
N GLU B 63 -2.51 9.53 -18.16
CA GLU B 63 -3.17 8.99 -19.35
C GLU B 63 -2.92 7.45 -19.34
N PRO B 64 -3.92 6.61 -19.69
CA PRO B 64 -3.83 5.18 -19.35
C PRO B 64 -2.63 4.49 -19.96
N ARG B 65 -2.36 4.76 -21.23
CA ARG B 65 -1.16 4.14 -21.87
C ARG B 65 0.14 4.62 -21.18
N HIS B 66 0.17 5.88 -20.80
CA HIS B 66 1.29 6.44 -20.09
C HIS B 66 1.49 5.72 -18.75
N TYR B 67 0.42 5.54 -17.99
CA TYR B 67 0.47 4.73 -16.75
C TYR B 67 1.10 3.38 -16.97
N MET B 68 0.61 2.70 -17.99
CA MET B 68 0.98 1.29 -18.19
C MET B 68 2.41 1.10 -18.61
N MET B 69 3.02 2.16 -19.22
CA MET B 69 4.42 2.00 -19.64
CA MET B 69 4.43 2.09 -19.70
C MET B 69 5.45 2.69 -18.76
N THR B 70 5.01 3.22 -17.66
CA THR B 70 5.86 4.03 -16.77
C THR B 70 6.24 3.25 -15.50
N PRO B 71 7.53 3.14 -15.19
CA PRO B 71 7.93 2.51 -13.94
C PRO B 71 7.41 3.23 -12.71
N TYR B 72 7.25 2.50 -11.64
CA TYR B 72 6.68 3.00 -10.39
C TYR B 72 7.20 4.37 -9.97
N TYR B 73 8.48 4.53 -9.71
CA TYR B 73 8.92 5.77 -9.05
C TYR B 73 8.73 6.97 -10.04
N GLU B 74 8.85 6.68 -11.34
CA GLU B 74 8.64 7.72 -12.31
C GLU B 74 7.19 8.22 -12.26
N ARG B 75 6.22 7.34 -12.04
CA ARG B 75 4.81 7.77 -11.92
C ARG B 75 4.68 8.87 -10.87
N TYR B 76 5.39 8.70 -9.79
CA TYR B 76 5.30 9.67 -8.65
C TYR B 76 6.05 10.97 -8.96
N VAL B 77 7.15 10.92 -9.71
CA VAL B 77 7.74 12.14 -10.24
C VAL B 77 6.72 12.86 -11.07
N ILE B 78 6.07 12.18 -12.02
CA ILE B 78 5.03 12.80 -12.84
C ILE B 78 3.87 13.32 -11.99
N GLY B 79 3.42 12.55 -11.01
CA GLY B 79 2.27 12.95 -10.17
C GLY B 79 2.57 14.18 -9.33
N VAL B 80 3.70 14.16 -8.61
CA VAL B 80 4.04 15.29 -7.75
C VAL B 80 4.25 16.55 -8.64
N ALA B 81 4.91 16.39 -9.75
CA ALA B 81 5.09 17.54 -10.69
C ALA B 81 3.74 18.07 -11.12
N THR B 82 2.82 17.21 -11.47
CA THR B 82 1.48 17.59 -11.92
C THR B 82 0.82 18.44 -10.82
N LEU B 83 0.83 17.94 -9.60
CA LEU B 83 0.17 18.63 -8.48
C LEU B 83 0.81 19.99 -8.25
N MET B 84 2.11 20.10 -8.36
CA MET B 84 2.73 21.42 -8.18
C MET B 84 2.33 22.41 -9.28
N VAL B 85 2.13 21.91 -10.48
CA VAL B 85 1.64 22.76 -11.55
C VAL B 85 0.16 23.12 -11.33
N GLU B 86 -0.68 22.15 -10.98
CA GLU B 86 -2.09 22.41 -10.78
C GLU B 86 -2.36 23.39 -9.63
N LYS B 87 -1.52 23.33 -8.61
CA LYS B 87 -1.68 24.15 -7.45
C LYS B 87 -1.01 25.56 -7.68
N GLY B 88 -0.43 25.80 -8.83
CA GLY B 88 0.13 27.09 -9.15
C GLY B 88 1.49 27.37 -8.56
N ILE B 89 2.18 26.34 -8.05
CA ILE B 89 3.48 26.49 -7.43
C ILE B 89 4.58 26.49 -8.46
N LEU B 90 4.42 25.65 -9.45
CA LEU B 90 5.35 25.53 -10.56
C LEU B 90 4.57 25.68 -11.89
N THR B 91 5.32 25.94 -12.96
CA THR B 91 4.80 25.84 -14.32
C THR B 91 5.36 24.68 -15.07
N GLN B 92 4.58 24.16 -16.03
CA GLN B 92 5.13 23.15 -16.92
C GLN B 92 6.34 23.64 -17.73
N ASP B 93 6.30 24.93 -18.17
CA ASP B 93 7.42 25.51 -18.86
C ASP B 93 8.70 25.41 -18.08
N GLU B 94 8.69 25.78 -16.79
CA GLU B 94 9.95 25.74 -16.05
C GLU B 94 10.42 24.31 -15.85
N LEU B 95 9.46 23.37 -15.64
CA LEU B 95 9.89 21.94 -15.52
C LEU B 95 10.55 21.45 -16.80
N GLU B 96 9.95 21.75 -17.98
CA GLU B 96 10.56 21.33 -19.26
C GLU B 96 11.85 22.06 -19.55
N SER B 97 11.94 23.34 -19.13
CA SER B 97 13.19 24.10 -19.34
C SER B 97 14.36 23.45 -18.55
N LEU B 98 14.08 23.14 -17.28
CA LEU B 98 15.07 22.53 -16.41
C LEU B 98 15.37 21.09 -16.84
N ALA B 99 14.34 20.36 -17.29
CA ALA B 99 14.53 19.00 -17.77
C ALA B 99 15.26 18.86 -19.10
N GLY B 100 15.21 19.95 -19.90
CA GLY B 100 15.75 19.89 -21.22
C GLY B 100 14.97 19.12 -22.25
N GLY B 101 13.67 19.00 -22.05
CA GLY B 101 12.82 18.27 -22.97
C GLY B 101 11.45 18.00 -22.36
N PRO B 102 10.65 17.20 -23.06
CA PRO B 102 9.27 17.03 -22.67
C PRO B 102 9.02 16.41 -21.27
N PHE B 103 8.07 16.95 -20.57
CA PHE B 103 7.64 16.53 -19.25
C PHE B 103 6.12 16.49 -19.22
N PRO B 104 5.51 15.53 -19.96
CA PRO B 104 4.09 15.40 -19.94
C PRO B 104 3.59 15.01 -18.56
N LEU B 105 2.45 15.58 -18.19
CA LEU B 105 1.88 15.47 -16.88
C LEU B 105 0.62 14.57 -16.89
N SER B 106 0.11 14.27 -15.70
CA SER B 106 -1.21 13.64 -15.58
C SER B 106 -2.29 14.53 -16.21
N ARG B 107 -3.37 13.90 -16.67
CA ARG B 107 -4.52 14.61 -17.24
C ARG B 107 -5.30 15.30 -16.17
N PRO B 108 -5.95 16.37 -16.54
CA PRO B 108 -6.86 16.99 -15.60
C PRO B 108 -7.88 16.11 -15.07
N SER B 109 -8.37 16.41 -13.87
CA SER B 109 -9.46 15.67 -13.29
C SER B 109 -10.78 15.88 -14.06
N GLU B 110 -11.50 14.81 -14.27
CA GLU B 110 -12.86 14.87 -14.85
C GLU B 110 -14.00 14.92 -13.88
N SER B 111 -13.65 14.94 -12.60
CA SER B 111 -14.60 15.04 -11.51
C SER B 111 -14.15 16.04 -10.45
N GLU B 112 -15.13 16.73 -9.82
CA GLU B 112 -14.83 17.59 -8.70
C GLU B 112 -14.73 16.83 -7.37
N GLY B 113 -14.95 15.52 -7.36
CA GLY B 113 -14.95 14.75 -6.15
C GLY B 113 -16.34 14.75 -5.53
N ARG B 114 -16.48 14.17 -4.37
CA ARG B 114 -17.76 14.16 -3.66
C ARG B 114 -17.47 14.28 -2.18
N PRO B 115 -18.42 14.83 -1.43
CA PRO B 115 -18.25 14.88 -0.02
C PRO B 115 -18.33 13.59 0.72
N ALA B 116 -17.83 13.57 1.96
CA ALA B 116 -18.13 12.47 2.82
C ALA B 116 -19.67 12.39 2.95
N PRO B 117 -20.26 11.17 2.84
CA PRO B 117 -21.70 11.03 2.94
C PRO B 117 -22.19 11.43 4.34
N VAL B 118 -23.32 12.11 4.42
CA VAL B 118 -23.82 12.47 5.77
C VAL B 118 -24.51 11.23 6.36
N GLU B 119 -25.09 10.36 5.52
CA GLU B 119 -25.75 9.15 6.01
C GLU B 119 -24.93 7.88 5.88
N THR B 120 -24.45 7.42 7.03
CA THR B 120 -23.68 6.16 7.14
C THR B 120 -24.10 5.42 8.43
N THR B 121 -23.58 4.20 8.54
CA THR B 121 -23.84 3.26 9.63
C THR B 121 -22.58 2.85 10.33
N THR B 122 -22.64 2.78 11.65
CA THR B 122 -21.54 2.21 12.42
C THR B 122 -21.81 0.71 12.46
N PHE B 123 -20.92 -0.06 11.90
CA PHE B 123 -20.94 -1.51 11.87
C PHE B 123 -20.10 -2.13 12.97
N GLU B 124 -20.46 -3.34 13.33
CA GLU B 124 -19.80 -4.12 14.38
C GLU B 124 -19.18 -5.36 13.76
N VAL B 125 -18.13 -5.83 14.40
CA VAL B 125 -17.51 -7.10 14.07
C VAL B 125 -18.52 -8.24 13.94
N GLY B 126 -18.46 -8.95 12.83
CA GLY B 126 -19.36 -10.06 12.61
C GLY B 126 -20.55 -9.75 11.73
N GLN B 127 -20.91 -8.48 11.62
CA GLN B 127 -22.01 -7.97 10.75
C GLN B 127 -21.70 -8.15 9.29
N ARG B 128 -22.75 -8.41 8.51
CA ARG B 128 -22.63 -8.56 7.09
C ARG B 128 -22.96 -7.26 6.43
N VAL B 129 -22.09 -6.84 5.52
CA VAL B 129 -22.24 -5.58 4.83
C VAL B 129 -22.12 -5.79 3.32
N ARG B 130 -22.72 -4.89 2.56
CA ARG B 130 -22.54 -4.87 1.11
C ARG B 130 -21.79 -3.57 0.76
N VAL B 131 -20.92 -3.68 -0.24
CA VAL B 131 -20.23 -2.55 -0.73
C VAL B 131 -21.24 -1.83 -1.65
N ARG B 132 -21.48 -0.57 -1.35
CA ARG B 132 -22.46 0.27 -2.10
C ARG B 132 -22.21 0.17 -3.61
N ASP B 133 -23.28 -0.06 -4.35
CA ASP B 133 -23.22 -0.26 -5.82
C ASP B 133 -23.28 1.11 -6.48
N GLU B 134 -22.15 1.82 -6.37
CA GLU B 134 -22.02 3.23 -6.81
C GLU B 134 -20.80 3.31 -7.73
N TYR B 135 -20.90 4.24 -8.64
CA TYR B 135 -19.85 4.61 -9.59
C TYR B 135 -19.37 6.03 -9.33
N VAL B 136 -18.09 6.14 -8.99
CA VAL B 136 -17.45 7.42 -8.65
C VAL B 136 -16.34 7.72 -9.66
N PRO B 137 -16.49 8.78 -10.43
CA PRO B 137 -15.53 9.06 -11.47
C PRO B 137 -14.24 9.65 -10.96
N GLY B 138 -14.27 10.29 -9.78
CA GLY B 138 -13.07 10.75 -9.19
C GLY B 138 -12.47 9.68 -8.29
N HIS B 139 -11.65 10.14 -7.35
CA HIS B 139 -10.93 9.28 -6.49
C HIS B 139 -11.83 8.46 -5.59
N ILE B 140 -11.52 7.19 -5.40
CA ILE B 140 -12.21 6.34 -4.45
C ILE B 140 -11.26 5.22 -4.06
N ARG B 141 -11.27 4.83 -2.80
CA ARG B 141 -10.42 3.75 -2.28
C ARG B 141 -11.22 2.43 -2.17
N MET B 142 -11.95 2.14 -3.22
CA MET B 142 -12.71 0.94 -3.38
C MET B 142 -12.30 0.32 -4.73
N PRO B 143 -11.58 -0.79 -4.71
CA PRO B 143 -11.32 -1.53 -5.97
C PRO B 143 -12.54 -2.13 -6.53
N ALA B 144 -12.72 -2.10 -7.84
CA ALA B 144 -13.99 -2.51 -8.42
C ALA B 144 -14.40 -3.95 -8.15
N TYR B 145 -13.42 -4.82 -7.88
CA TYR B 145 -13.74 -6.24 -7.64
C TYR B 145 -14.71 -6.39 -6.46
N CYS B 146 -14.78 -5.41 -5.54
CA CYS B 146 -15.70 -5.57 -4.39
C CYS B 146 -16.98 -4.80 -4.54
N ARG B 147 -17.15 -4.00 -5.57
CA ARG B 147 -18.37 -3.19 -5.72
C ARG B 147 -19.59 -4.14 -5.73
N GLY B 148 -20.57 -3.79 -4.90
CA GLY B 148 -21.78 -4.58 -4.85
C GLY B 148 -21.74 -5.90 -4.14
N ARG B 149 -20.55 -6.29 -3.63
CA ARG B 149 -20.32 -7.59 -3.05
C ARG B 149 -20.52 -7.55 -1.54
N VAL B 150 -20.82 -8.71 -1.03
CA VAL B 150 -21.18 -8.87 0.40
C VAL B 150 -20.04 -9.58 1.14
N GLY B 151 -19.72 -9.05 2.31
CA GLY B 151 -18.76 -9.68 3.18
C GLY B 151 -19.07 -9.44 4.65
N THR B 152 -18.14 -9.82 5.52
CA THR B 152 -18.34 -9.66 6.95
CA THR B 152 -18.27 -9.81 6.99
C THR B 152 -17.23 -8.82 7.58
N ILE B 153 -17.65 -8.00 8.53
CA ILE B 153 -16.75 -7.13 9.30
C ILE B 153 -15.83 -7.91 10.21
N SER B 154 -14.54 -7.71 10.01
N SER B 154 -14.51 -7.79 10.01
CA SER B 154 -13.50 -8.34 10.80
CA SER B 154 -13.54 -8.39 10.95
C SER B 154 -12.95 -7.38 11.88
C SER B 154 -12.82 -7.37 11.84
N HIS B 155 -13.04 -6.09 11.58
CA HIS B 155 -12.37 -5.00 12.37
C HIS B 155 -13.04 -3.67 12.00
N ARG B 156 -13.27 -2.84 13.01
CA ARG B 156 -13.61 -1.48 12.87
C ARG B 156 -12.42 -0.70 13.45
N THR B 157 -11.86 0.24 12.67
CA THR B 157 -10.73 0.97 13.15
C THR B 157 -11.10 1.85 14.35
N THR B 158 -10.13 1.99 15.25
CA THR B 158 -10.25 2.88 16.41
C THR B 158 -9.86 4.36 16.17
N GLU B 159 -9.42 4.64 14.94
CA GLU B 159 -9.16 6.01 14.43
C GLU B 159 -10.05 6.29 13.23
N LYS B 160 -10.09 7.54 12.84
CA LYS B 160 -10.90 7.98 11.74
C LYS B 160 -10.07 8.82 10.86
N TRP B 161 -10.43 8.87 9.56
CA TRP B 161 -9.63 9.60 8.57
C TRP B 161 -10.54 10.31 7.56
N PRO B 162 -10.04 11.34 6.91
CA PRO B 162 -10.82 12.00 5.86
C PRO B 162 -11.22 11.05 4.70
N PHE B 163 -12.43 11.22 4.21
CA PHE B 163 -13.01 10.43 3.09
C PHE B 163 -12.20 10.72 1.83
N PRO B 164 -11.64 9.61 1.26
CA PRO B 164 -10.67 9.86 0.19
C PRO B 164 -11.28 10.58 -1.04
N ASP B 165 -12.57 10.32 -1.25
CA ASP B 165 -13.27 10.84 -2.44
C ASP B 165 -13.39 12.36 -2.44
N ALA B 166 -13.21 12.94 -1.21
CA ALA B 166 -13.20 14.35 -1.01
C ALA B 166 -11.78 14.93 -0.92
N ILE B 167 -10.99 14.40 0.03
CA ILE B 167 -9.68 14.95 0.25
C ILE B 167 -8.72 14.65 -0.93
N GLY B 168 -8.98 13.58 -1.69
CA GLY B 168 -8.19 13.33 -2.90
C GLY B 168 -8.40 14.31 -4.02
N HIS B 169 -9.41 15.19 -3.90
CA HIS B 169 -9.61 16.35 -4.78
C HIS B 169 -9.34 17.69 -4.09
N GLY B 170 -8.76 17.65 -2.89
CA GLY B 170 -8.48 18.87 -2.13
C GLY B 170 -9.75 19.57 -1.59
N ARG B 171 -10.82 18.84 -1.42
CA ARG B 171 -12.06 19.44 -0.99
C ARG B 171 -12.04 19.70 0.51
N ASN B 172 -12.93 20.60 0.93
CA ASN B 172 -13.03 20.97 2.33
C ASN B 172 -14.04 20.13 3.15
N ASP B 173 -14.68 19.15 2.52
CA ASP B 173 -15.79 18.40 3.07
C ASP B 173 -15.59 16.89 3.22
N ALA B 174 -14.32 16.53 3.50
CA ALA B 174 -13.93 15.12 3.70
C ALA B 174 -14.31 14.53 5.01
N GLY B 175 -14.67 15.37 5.99
CA GLY B 175 -15.07 14.79 7.27
C GLY B 175 -14.02 13.87 7.87
N GLU B 176 -14.55 12.88 8.57
CA GLU B 176 -13.77 11.79 9.11
C GLU B 176 -14.64 10.59 9.27
N GLU B 177 -14.10 9.44 8.90
CA GLU B 177 -14.77 8.14 9.02
C GLU B 177 -13.80 7.09 9.46
N PRO B 178 -14.27 6.10 10.23
CA PRO B 178 -13.42 4.92 10.43
C PRO B 178 -13.48 4.05 9.15
N THR B 179 -12.61 3.06 9.09
CA THR B 179 -12.66 2.07 8.04
C THR B 179 -12.92 0.72 8.65
N TYR B 180 -13.29 -0.22 7.80
CA TYR B 180 -13.67 -1.56 8.20
C TYR B 180 -12.90 -2.57 7.38
N HIS B 181 -12.34 -3.58 8.05
CA HIS B 181 -11.77 -4.71 7.35
C HIS B 181 -12.93 -5.61 7.04
N VAL B 182 -13.20 -5.75 5.76
CA VAL B 182 -14.34 -6.51 5.25
C VAL B 182 -13.79 -7.75 4.59
N LYS B 183 -14.20 -8.93 5.12
CA LYS B 183 -13.78 -10.24 4.59
C LYS B 183 -14.75 -10.78 3.62
N PHE B 184 -14.29 -10.97 2.40
CA PHE B 184 -15.06 -11.60 1.34
C PHE B 184 -14.58 -12.94 1.02
N ALA B 185 -15.51 -13.90 0.80
CA ALA B 185 -15.08 -15.15 0.25
C ALA B 185 -14.55 -14.95 -1.15
N ALA B 186 -13.55 -15.71 -1.51
CA ALA B 186 -12.93 -15.60 -2.88
C ALA B 186 -14.02 -15.82 -3.95
N GLU B 187 -14.92 -16.76 -3.74
CA GLU B 187 -16.01 -17.02 -4.70
C GLU B 187 -17.01 -15.89 -4.79
N GLU B 188 -17.15 -15.03 -3.79
CA GLU B 188 -18.09 -13.92 -3.85
C GLU B 188 -17.53 -12.90 -4.88
N LEU B 189 -16.18 -12.86 -4.97
CA LEU B 189 -15.55 -11.85 -5.79
C LEU B 189 -15.26 -12.34 -7.23
N PHE B 190 -14.89 -13.61 -7.41
CA PHE B 190 -14.46 -14.15 -8.64
C PHE B 190 -15.09 -15.46 -9.04
N GLY B 191 -16.20 -15.77 -8.42
CA GLY B 191 -16.90 -17.04 -8.77
C GLY B 191 -16.03 -18.28 -8.62
N SER B 192 -16.12 -19.15 -9.62
CA SER B 192 -15.32 -20.33 -9.66
C SER B 192 -13.89 -20.06 -10.11
N ASP B 193 -13.58 -18.85 -10.56
CA ASP B 193 -12.28 -18.52 -11.18
C ASP B 193 -11.25 -17.80 -10.29
N THR B 194 -10.87 -18.54 -9.33
CA THR B 194 -9.97 -18.13 -8.23
C THR B 194 -9.47 -19.38 -7.56
N ASP B 195 -8.23 -19.29 -7.07
CA ASP B 195 -7.67 -20.35 -6.22
C ASP B 195 -7.55 -19.96 -4.71
N GLY B 196 -8.21 -18.87 -4.29
CA GLY B 196 -7.90 -18.35 -2.95
C GLY B 196 -8.98 -18.78 -1.95
N GLY B 197 -8.93 -18.16 -0.79
CA GLY B 197 -9.82 -18.50 0.33
C GLY B 197 -10.69 -17.30 0.53
N SER B 198 -10.05 -16.20 1.01
CA SER B 198 -10.76 -14.98 1.35
C SER B 198 -9.87 -13.80 1.00
N VAL B 199 -10.52 -12.68 0.85
CA VAL B 199 -9.85 -11.40 0.56
C VAL B 199 -10.42 -10.41 1.55
N VAL B 200 -9.58 -9.66 2.27
CA VAL B 200 -9.99 -8.64 3.18
C VAL B 200 -9.62 -7.28 2.60
N VAL B 201 -10.63 -6.45 2.43
CA VAL B 201 -10.55 -5.10 1.85
C VAL B 201 -10.79 -4.08 2.97
N ASP B 202 -9.99 -3.03 3.07
CA ASP B 202 -10.11 -2.05 4.17
C ASP B 202 -10.93 -0.94 3.61
N LEU B 203 -12.22 -0.86 3.98
CA LEU B 203 -13.18 0.02 3.29
C LEU B 203 -13.72 1.09 4.22
N PHE B 204 -13.68 2.30 3.77
CA PHE B 204 -14.31 3.46 4.45
C PHE B 204 -15.81 3.19 4.69
N GLU B 205 -16.26 3.67 5.85
CA GLU B 205 -17.68 3.51 6.25
C GLU B 205 -18.65 3.90 5.12
N GLY B 206 -18.32 5.01 4.43
CA GLY B 206 -19.16 5.59 3.40
C GLY B 206 -19.29 4.75 2.15
N TYR B 207 -18.49 3.69 2.05
CA TYR B 207 -18.56 2.74 0.94
C TYR B 207 -19.45 1.52 1.23
N LEU B 208 -20.01 1.50 2.46
CA LEU B 208 -20.70 0.32 2.94
C LEU B 208 -22.18 0.64 3.30
N GLU B 209 -22.94 -0.44 3.30
CA GLU B 209 -24.37 -0.41 3.70
C GLU B 209 -24.68 -1.78 4.33
N PRO B 210 -25.73 -1.86 5.17
CA PRO B 210 -26.08 -3.15 5.62
C PRO B 210 -26.43 -4.16 4.50
N ALA B 211 -26.11 -5.43 4.70
CA ALA B 211 -26.41 -6.45 3.67
C ALA B 211 -27.92 -6.74 3.72
N ALA B 212 -28.53 -6.86 2.53
CA ALA B 212 -30.00 -6.81 2.32
C ALA B 212 -30.84 -6.75 3.63
#